data_2EC7
#
_entry.id   2EC7
#
loop_
_entity.id
_entity.type
_entity.pdbx_description
1 polymer 'Gag polyprotein (Pr55Gag)'
2 non-polymer 'ZINC ION'
#
_entity_poly.entity_id   1
_entity_poly.type   'polypeptide(L)'
_entity_poly.pdbx_seq_one_letter_code
;AQQRKVIRCWNCGKEGHSARQCRAPRRQGCWKCGKTGHVMAKCPERQAG
;
_entity_poly.pdbx_strand_id   A
#
loop_
_chem_comp.id
_chem_comp.type
_chem_comp.name
_chem_comp.formula
ZN non-polymer 'ZINC ION' 'Zn 2'
#
# COMPACT_ATOMS: atom_id res chain seq x y z
N ALA A 1 8.12 20.70 -13.56
CA ALA A 1 6.87 21.29 -14.12
C ALA A 1 5.67 20.91 -13.26
N GLN A 2 5.02 19.81 -13.56
CA GLN A 2 3.84 19.39 -12.76
C GLN A 2 4.31 18.81 -11.42
N GLN A 3 4.65 19.65 -10.48
CA GLN A 3 5.12 19.15 -9.15
C GLN A 3 4.02 19.30 -8.11
N ARG A 4 3.11 18.36 -8.05
CA ARG A 4 2.01 18.44 -7.06
C ARG A 4 1.23 17.12 -7.02
N LYS A 5 0.81 16.70 -5.86
CA LYS A 5 0.06 15.41 -5.76
C LYS A 5 -0.86 15.41 -4.54
N VAL A 6 -2.01 14.80 -4.65
CA VAL A 6 -2.94 14.76 -3.49
C VAL A 6 -2.74 13.45 -2.73
N ILE A 7 -3.40 13.30 -1.61
CA ILE A 7 -3.26 12.05 -0.80
C ILE A 7 -3.12 10.83 -1.74
N ARG A 8 -1.96 10.25 -1.79
CA ARG A 8 -1.77 9.07 -2.67
C ARG A 8 -2.35 7.81 -2.02
N CYS A 9 -3.23 7.14 -2.70
CA CYS A 9 -3.87 5.92 -2.14
C CYS A 9 -2.84 4.79 -2.03
N TRP A 10 -2.48 4.46 -0.83
CA TRP A 10 -1.52 3.36 -0.63
C TRP A 10 -2.22 2.07 -1.09
N ASN A 11 -1.44 1.05 -1.37
CA ASN A 11 -1.98 -0.26 -1.89
C ASN A 11 -2.04 -0.24 -3.41
N CYS A 12 -2.49 0.84 -3.98
CA CYS A 12 -2.57 0.94 -5.46
C CYS A 12 -1.82 2.18 -5.95
N GLY A 13 -1.71 3.19 -5.12
CA GLY A 13 -0.99 4.42 -5.53
C GLY A 13 -1.90 5.30 -6.39
N LYS A 14 -2.85 5.95 -5.77
CA LYS A 14 -3.78 6.83 -6.54
C LYS A 14 -4.15 8.07 -5.73
N GLU A 15 -3.74 9.21 -6.17
CA GLU A 15 -4.07 10.46 -5.41
C GLU A 15 -5.58 10.59 -5.24
N GLY A 16 -6.11 10.27 -4.09
CA GLY A 16 -7.57 10.39 -3.88
C GLY A 16 -7.97 9.80 -2.53
N HIS A 17 -7.27 8.81 -2.06
CA HIS A 17 -7.62 8.19 -0.75
C HIS A 17 -6.40 7.51 -0.12
N SER A 18 -6.61 6.59 0.78
CA SER A 18 -5.45 5.91 1.42
C SER A 18 -5.52 4.39 1.24
N ALA A 19 -4.97 3.64 2.16
CA ALA A 19 -4.99 2.15 2.04
C ALA A 19 -6.21 1.56 2.74
N ARG A 20 -6.92 2.36 3.50
CA ARG A 20 -8.13 1.84 4.21
C ARG A 20 -9.30 1.65 3.26
N GLN A 21 -9.40 2.46 2.24
CA GLN A 21 -10.53 2.31 1.29
C GLN A 21 -10.05 1.69 -0.03
N CYS A 22 -8.77 1.67 -0.25
CA CYS A 22 -8.23 1.10 -1.52
C CYS A 22 -7.91 -0.39 -1.38
N ARG A 23 -8.38 -1.18 -2.30
CA ARG A 23 -8.09 -2.64 -2.25
C ARG A 23 -8.12 -3.20 -3.68
N ALA A 24 -7.94 -2.34 -4.65
CA ALA A 24 -7.96 -2.78 -6.08
C ALA A 24 -7.23 -4.13 -6.24
N PRO A 25 -7.43 -4.75 -7.36
CA PRO A 25 -6.78 -6.05 -7.65
C PRO A 25 -5.29 -5.85 -7.92
N ARG A 26 -4.95 -4.85 -8.69
CA ARG A 26 -3.53 -4.58 -9.00
C ARG A 26 -2.70 -4.46 -7.71
N ARG A 27 -3.37 -4.27 -6.60
CA ARG A 27 -2.68 -4.11 -5.29
C ARG A 27 -1.38 -4.92 -5.23
N GLN A 28 -0.51 -4.54 -4.31
CA GLN A 28 0.77 -5.27 -4.14
C GLN A 28 1.01 -5.51 -2.64
N GLY A 29 1.04 -6.75 -2.23
CA GLY A 29 1.25 -7.06 -0.78
C GLY A 29 2.28 -6.10 -0.19
N CYS A 30 3.53 -6.30 -0.53
CA CYS A 30 4.58 -5.40 0.00
C CYS A 30 4.52 -4.04 -0.69
N TRP A 31 5.22 -3.07 -0.19
CA TRP A 31 5.19 -1.73 -0.83
C TRP A 31 6.61 -1.19 -1.00
N LYS A 32 7.51 -1.56 -0.14
CA LYS A 32 8.91 -1.06 -0.27
C LYS A 32 9.49 -1.50 -1.62
N CYS A 33 8.92 -2.53 -2.21
CA CYS A 33 9.43 -3.01 -3.52
C CYS A 33 8.26 -3.22 -4.49
N GLY A 34 7.15 -3.69 -3.98
CA GLY A 34 5.96 -3.92 -4.87
C GLY A 34 6.06 -5.30 -5.52
N LYS A 35 5.25 -6.22 -5.09
CA LYS A 35 5.30 -7.59 -5.68
C LYS A 35 3.92 -8.27 -5.59
N THR A 36 3.58 -8.74 -4.43
CA THR A 36 2.25 -9.41 -4.26
C THR A 36 2.03 -9.77 -2.80
N GLY A 37 1.13 -10.70 -2.53
CA GLY A 37 0.83 -11.12 -1.13
C GLY A 37 2.06 -10.94 -0.24
N HIS A 38 3.20 -11.36 -0.68
CA HIS A 38 4.43 -11.19 0.15
C HIS A 38 4.48 -9.76 0.69
N VAL A 39 5.03 -9.58 1.86
CA VAL A 39 5.09 -8.22 2.45
C VAL A 39 6.48 -7.96 3.04
N MET A 40 6.76 -6.74 3.43
CA MET A 40 8.09 -6.44 4.01
C MET A 40 8.45 -7.47 5.08
N ALA A 41 7.49 -7.91 5.83
CA ALA A 41 7.77 -8.94 6.89
C ALA A 41 8.48 -10.13 6.26
N LYS A 42 8.25 -10.34 5.00
CA LYS A 42 8.88 -11.51 4.33
C LYS A 42 9.26 -11.15 2.90
N CYS A 43 9.63 -9.92 2.66
CA CYS A 43 10.01 -9.51 1.28
C CYS A 43 11.46 -9.92 1.00
N PRO A 44 11.65 -10.57 -0.12
CA PRO A 44 13.01 -11.02 -0.52
C PRO A 44 13.84 -9.84 -1.03
N GLU A 45 13.20 -8.81 -1.49
CA GLU A 45 13.95 -7.62 -2.00
C GLU A 45 15.00 -8.07 -3.02
N ARG A 46 14.60 -8.21 -4.26
CA ARG A 46 15.57 -8.63 -5.31
C ARG A 46 16.19 -9.99 -4.94
N GLN A 47 15.80 -11.03 -5.62
CA GLN A 47 16.35 -12.38 -5.31
C GLN A 47 16.80 -13.05 -6.61
N ALA A 48 16.54 -14.33 -6.76
CA ALA A 48 16.96 -15.03 -8.01
C ALA A 48 15.78 -15.15 -8.97
N GLY A 49 14.94 -14.15 -9.01
CA GLY A 49 13.77 -14.20 -9.94
C GLY A 49 13.82 -13.03 -10.92
ZN ZN B . -6.60 3.91 -5.13
ZN ZN C . 7.84 -6.55 -0.62
N ALA A 1 -10.47 21.14 6.77
CA ALA A 1 -10.20 21.91 5.52
C ALA A 1 -8.78 22.48 5.55
N GLN A 2 -8.10 22.46 4.44
CA GLN A 2 -6.71 23.00 4.41
C GLN A 2 -5.84 22.27 5.42
N GLN A 3 -4.54 22.35 5.29
CA GLN A 3 -3.65 21.66 6.25
C GLN A 3 -3.98 20.17 6.31
N ARG A 4 -3.26 19.43 7.10
CA ARG A 4 -3.52 17.97 7.21
C ARG A 4 -3.30 17.30 5.85
N LYS A 5 -3.20 15.99 5.83
CA LYS A 5 -2.99 15.28 4.53
C LYS A 5 -4.24 14.48 4.17
N VAL A 6 -4.29 13.93 2.99
CA VAL A 6 -5.50 13.14 2.59
C VAL A 6 -5.20 11.65 2.61
N ILE A 7 -4.85 11.13 3.77
CA ILE A 7 -4.56 9.67 3.91
C ILE A 7 -3.92 9.07 2.65
N ARG A 8 -2.64 8.82 2.67
CA ARG A 8 -1.98 8.22 1.48
C ARG A 8 -2.26 6.72 1.45
N CYS A 9 -3.17 6.29 0.60
CA CYS A 9 -3.52 4.84 0.54
C CYS A 9 -2.33 3.99 0.08
N TRP A 10 -2.28 2.78 0.56
CA TRP A 10 -1.19 1.85 0.16
C TRP A 10 -1.68 1.03 -1.03
N ASN A 11 -2.76 0.36 -0.80
CA ASN A 11 -3.37 -0.52 -1.83
C ASN A 11 -3.10 0.00 -3.24
N CYS A 12 -3.77 1.06 -3.62
CA CYS A 12 -3.56 1.61 -4.98
C CYS A 12 -2.49 2.70 -4.96
N GLY A 13 -2.14 3.17 -3.79
CA GLY A 13 -1.09 4.23 -3.69
C GLY A 13 -1.65 5.56 -4.18
N LYS A 14 -2.39 6.24 -3.34
CA LYS A 14 -2.96 7.56 -3.75
C LYS A 14 -3.77 8.16 -2.60
N GLU A 15 -3.48 9.38 -2.24
CA GLU A 15 -4.22 10.03 -1.13
C GLU A 15 -5.71 10.14 -1.48
N GLY A 16 -6.58 10.04 -0.50
CA GLY A 16 -8.03 10.14 -0.79
C GLY A 16 -8.81 9.08 0.01
N HIS A 17 -8.13 8.07 0.50
CA HIS A 17 -8.85 7.02 1.29
C HIS A 17 -7.85 6.23 2.14
N SER A 18 -8.29 5.14 2.71
CA SER A 18 -7.37 4.32 3.55
C SER A 18 -6.95 3.06 2.81
N ALA A 19 -6.02 2.32 3.34
CA ALA A 19 -5.57 1.07 2.66
C ALA A 19 -6.48 -0.09 3.03
N ARG A 20 -7.36 0.11 3.97
CA ARG A 20 -8.28 -1.00 4.38
C ARG A 20 -9.54 -0.97 3.50
N GLN A 21 -9.95 0.19 3.06
CA GLN A 21 -11.17 0.27 2.20
C GLN A 21 -10.78 0.11 0.73
N CYS A 22 -9.59 0.48 0.36
CA CYS A 22 -9.16 0.34 -1.06
C CYS A 22 -8.59 -1.05 -1.29
N ARG A 23 -9.02 -1.70 -2.33
CA ARG A 23 -8.51 -3.06 -2.63
C ARG A 23 -7.88 -3.06 -4.03
N ALA A 24 -8.14 -2.05 -4.81
CA ALA A 24 -7.54 -2.00 -6.18
C ALA A 24 -7.58 -3.38 -6.83
N PRO A 25 -6.84 -3.54 -7.90
CA PRO A 25 -6.80 -4.84 -8.60
C PRO A 25 -5.80 -5.78 -7.92
N ARG A 26 -4.56 -5.73 -8.32
CA ARG A 26 -3.53 -6.64 -7.76
C ARG A 26 -3.05 -6.20 -6.36
N ARG A 27 -3.42 -5.04 -5.89
CA ARG A 27 -2.93 -4.59 -4.55
C ARG A 27 -1.41 -4.61 -4.50
N GLN A 28 -0.84 -3.88 -3.60
CA GLN A 28 0.65 -3.89 -3.48
C GLN A 28 1.06 -5.07 -2.60
N GLY A 29 1.57 -6.11 -3.20
CA GLY A 29 1.98 -7.32 -2.42
C GLY A 29 2.55 -6.90 -1.07
N CYS A 30 3.83 -6.69 -1.00
CA CYS A 30 4.44 -6.27 0.29
C CYS A 30 3.88 -4.90 0.70
N TRP A 31 3.50 -4.76 1.95
CA TRP A 31 2.92 -3.46 2.39
C TRP A 31 4.00 -2.45 2.75
N LYS A 32 4.75 -2.70 3.79
CA LYS A 32 5.79 -1.72 4.17
C LYS A 32 7.07 -1.93 3.34
N CYS A 33 6.93 -2.26 2.08
CA CYS A 33 8.15 -2.47 1.24
C CYS A 33 7.90 -1.98 -0.19
N GLY A 34 7.00 -2.63 -0.90
CA GLY A 34 6.71 -2.21 -2.29
C GLY A 34 7.32 -3.23 -3.27
N LYS A 35 6.93 -4.47 -3.19
CA LYS A 35 7.50 -5.48 -4.12
C LYS A 35 6.43 -6.51 -4.52
N THR A 36 6.83 -7.63 -5.06
CA THR A 36 5.85 -8.67 -5.47
C THR A 36 6.25 -10.03 -4.88
N GLY A 37 5.32 -10.93 -4.75
CA GLY A 37 5.65 -12.27 -4.19
C GLY A 37 5.79 -12.15 -2.67
N HIS A 38 6.61 -11.24 -2.22
CA HIS A 38 6.78 -11.07 -0.75
C HIS A 38 5.75 -10.08 -0.21
N VAL A 39 4.63 -10.57 0.25
CA VAL A 39 3.58 -9.65 0.78
C VAL A 39 3.60 -9.67 2.31
N MET A 40 2.92 -8.74 2.93
CA MET A 40 2.89 -8.71 4.42
C MET A 40 2.56 -10.09 4.96
N ALA A 41 1.86 -10.89 4.19
CA ALA A 41 1.50 -12.26 4.65
C ALA A 41 2.73 -13.00 5.13
N LYS A 42 3.81 -12.83 4.43
CA LYS A 42 5.05 -13.57 4.79
C LYS A 42 6.18 -12.58 5.14
N CYS A 43 5.91 -11.31 5.10
CA CYS A 43 6.97 -10.31 5.43
C CYS A 43 7.13 -10.20 6.94
N PRO A 44 8.26 -10.65 7.42
CA PRO A 44 8.54 -10.62 8.88
C PRO A 44 8.95 -9.21 9.33
N GLU A 45 9.58 -8.47 8.47
CA GLU A 45 10.01 -7.08 8.84
C GLU A 45 10.93 -7.13 10.07
N ARG A 46 11.90 -6.26 10.12
CA ARG A 46 12.84 -6.26 11.29
C ARG A 46 13.30 -7.69 11.60
N GLN A 47 14.35 -8.14 10.96
CA GLN A 47 14.83 -9.53 11.22
C GLN A 47 16.09 -9.49 12.10
N ALA A 48 16.88 -8.46 11.97
CA ALA A 48 18.12 -8.36 12.79
C ALA A 48 17.99 -7.23 13.81
N GLY A 49 17.73 -7.56 15.05
CA GLY A 49 17.60 -6.50 16.08
C GLY A 49 16.92 -7.08 17.33
ZN ZN B . -6.60 3.91 -5.13
ZN ZN C . 7.84 -6.55 -0.62
N ALA A 1 -12.58 24.48 1.81
CA ALA A 1 -11.90 25.24 0.71
C ALA A 1 -10.75 24.40 0.12
N GLN A 2 -11.07 23.29 -0.49
CA GLN A 2 -10.01 22.43 -1.08
C GLN A 2 -8.97 22.06 -0.02
N GLN A 3 -7.90 21.43 -0.40
CA GLN A 3 -6.86 21.04 0.60
C GLN A 3 -7.48 20.13 1.67
N ARG A 4 -7.30 18.84 1.55
CA ARG A 4 -7.87 17.91 2.57
C ARG A 4 -7.49 16.46 2.25
N LYS A 5 -6.76 15.82 3.12
CA LYS A 5 -6.36 14.41 2.88
C LYS A 5 -6.63 13.58 4.14
N VAL A 6 -7.37 12.51 4.02
CA VAL A 6 -7.66 11.67 5.23
C VAL A 6 -7.21 10.22 5.02
N ILE A 7 -6.64 9.63 6.04
CA ILE A 7 -6.17 8.21 5.97
C ILE A 7 -5.72 7.79 4.55
N ARG A 8 -4.45 7.56 4.37
CA ARG A 8 -3.94 7.14 3.03
C ARG A 8 -4.22 5.65 2.81
N CYS A 9 -4.93 5.32 1.77
CA CYS A 9 -5.22 3.89 1.49
C CYS A 9 -3.96 3.17 1.00
N TRP A 10 -3.51 2.17 1.70
CA TRP A 10 -2.28 1.45 1.26
C TRP A 10 -2.58 0.71 -0.05
N ASN A 11 -3.68 0.00 -0.08
CA ASN A 11 -4.06 -0.80 -1.28
C ASN A 11 -3.87 0.00 -2.58
N CYS A 12 -4.10 1.28 -2.56
CA CYS A 12 -3.95 2.07 -3.82
C CYS A 12 -3.14 3.34 -3.58
N GLY A 13 -2.76 3.60 -2.35
CA GLY A 13 -1.97 4.82 -2.04
C GLY A 13 -2.77 6.08 -2.37
N LYS A 14 -3.70 6.42 -1.53
CA LYS A 14 -4.53 7.64 -1.79
C LYS A 14 -5.34 7.99 -0.54
N GLU A 15 -5.23 9.20 -0.07
CA GLU A 15 -6.00 9.60 1.15
C GLU A 15 -7.46 9.87 0.79
N GLY A 16 -8.34 9.73 1.74
CA GLY A 16 -9.79 9.98 1.46
C GLY A 16 -10.58 8.71 1.78
N HIS A 17 -9.91 7.61 1.93
CA HIS A 17 -10.61 6.33 2.25
C HIS A 17 -9.61 5.32 2.84
N SER A 18 -10.09 4.22 3.35
CA SER A 18 -9.14 3.22 3.93
C SER A 18 -8.91 2.07 2.96
N ALA A 19 -7.79 1.42 3.06
CA ALA A 19 -7.50 0.28 2.15
C ALA A 19 -8.49 -0.86 2.40
N ARG A 20 -8.86 -1.07 3.63
CA ARG A 20 -9.85 -2.15 3.93
C ARG A 20 -11.02 -2.04 2.96
N GLN A 21 -11.25 -0.86 2.46
CA GLN A 21 -12.37 -0.66 1.49
C GLN A 21 -11.83 -0.72 0.06
N CYS A 22 -10.69 -0.14 -0.18
CA CYS A 22 -10.11 -0.16 -1.54
C CYS A 22 -9.21 -1.38 -1.71
N ARG A 23 -9.31 -2.04 -2.84
CA ARG A 23 -8.46 -3.22 -3.07
C ARG A 23 -7.69 -3.04 -4.39
N ALA A 24 -7.93 -1.95 -5.08
CA ALA A 24 -7.20 -1.72 -6.37
C ALA A 24 -7.18 -3.05 -7.15
N PRO A 25 -6.24 -3.21 -8.04
CA PRO A 25 -6.18 -4.50 -8.76
C PRO A 25 -5.71 -5.58 -7.78
N ARG A 26 -4.48 -5.99 -7.85
CA ARG A 26 -4.03 -7.02 -6.92
C ARG A 26 -3.41 -6.42 -5.64
N ARG A 27 -3.94 -5.34 -5.15
CA ARG A 27 -3.35 -4.75 -3.91
C ARG A 27 -1.86 -4.59 -4.09
N GLN A 28 -1.20 -4.06 -3.10
CA GLN A 28 0.28 -3.87 -3.22
C GLN A 28 1.01 -5.11 -2.73
N GLY A 29 1.51 -5.92 -3.63
CA GLY A 29 2.24 -7.15 -3.22
C GLY A 29 3.13 -6.84 -2.01
N CYS A 30 4.11 -6.01 -2.19
CA CYS A 30 5.01 -5.64 -1.05
C CYS A 30 4.38 -4.50 -0.25
N TRP A 31 4.39 -4.62 1.05
CA TRP A 31 3.79 -3.54 1.90
C TRP A 31 4.89 -2.56 2.33
N LYS A 32 5.79 -3.00 3.18
CA LYS A 32 6.88 -2.09 3.64
C LYS A 32 7.64 -1.54 2.43
N CYS A 33 7.52 -2.17 1.29
CA CYS A 33 8.23 -1.69 0.08
C CYS A 33 7.23 -1.06 -0.89
N GLY A 34 6.11 -1.70 -1.11
CA GLY A 34 5.10 -1.16 -2.05
C GLY A 34 5.51 -1.48 -3.48
N LYS A 35 4.91 -2.47 -4.07
CA LYS A 35 5.27 -2.83 -5.47
C LYS A 35 4.06 -3.40 -6.21
N THR A 36 3.84 -4.69 -6.09
CA THR A 36 2.67 -5.31 -6.80
C THR A 36 2.60 -6.80 -6.47
N GLY A 37 3.51 -7.58 -6.98
CA GLY A 37 3.49 -9.03 -6.71
C GLY A 37 4.52 -9.34 -5.60
N HIS A 38 5.77 -9.10 -5.86
CA HIS A 38 6.81 -9.37 -4.82
C HIS A 38 6.35 -8.79 -3.47
N VAL A 39 6.02 -9.63 -2.54
CA VAL A 39 5.57 -9.14 -1.21
C VAL A 39 6.74 -9.11 -0.21
N MET A 40 6.59 -8.41 0.88
CA MET A 40 7.69 -8.35 1.88
C MET A 40 8.23 -9.76 2.14
N ALA A 41 7.40 -10.75 1.96
CA ALA A 41 7.84 -12.16 2.18
C ALA A 41 8.99 -12.48 1.23
N LYS A 42 8.77 -12.23 -0.02
CA LYS A 42 9.78 -12.52 -1.05
C LYS A 42 10.60 -11.28 -1.39
N CYS A 43 10.50 -10.25 -0.59
CA CYS A 43 11.27 -9.02 -0.86
C CYS A 43 12.79 -9.30 -0.74
N PRO A 44 13.56 -8.28 -0.94
CA PRO A 44 15.04 -8.41 -0.84
C PRO A 44 15.48 -8.38 0.62
N GLU A 45 14.54 -8.41 1.53
CA GLU A 45 14.90 -8.38 2.98
C GLU A 45 14.79 -9.78 3.58
N ARG A 46 14.11 -9.93 4.68
CA ARG A 46 13.97 -11.28 5.31
C ARG A 46 13.40 -11.15 6.72
N GLN A 47 12.11 -11.17 6.84
CA GLN A 47 11.48 -11.04 8.20
C GLN A 47 11.50 -12.40 8.91
N ALA A 48 12.59 -12.74 9.51
CA ALA A 48 12.67 -14.05 10.23
C ALA A 48 12.26 -13.87 11.69
N GLY A 49 11.54 -12.82 12.00
CA GLY A 49 11.12 -12.58 13.40
C GLY A 49 12.17 -11.73 14.11
ZN ZN B . -6.60 3.91 -5.13
ZN ZN C . 7.84 -6.55 -0.62
N ALA A 1 5.78 21.52 7.94
CA ALA A 1 5.51 20.46 6.93
C ALA A 1 4.47 19.47 7.48
N GLN A 2 3.31 19.43 6.87
CA GLN A 2 2.25 18.49 7.36
C GLN A 2 1.96 17.44 6.29
N GLN A 3 1.20 17.79 5.30
CA GLN A 3 0.88 16.81 4.22
C GLN A 3 0.38 17.54 2.98
N ARG A 4 0.18 16.84 1.91
CA ARG A 4 -0.31 17.50 0.66
C ARG A 4 -1.64 16.88 0.21
N LYS A 5 -2.62 17.69 -0.05
CA LYS A 5 -3.94 17.15 -0.50
C LYS A 5 -4.52 16.21 0.57
N VAL A 6 -5.78 15.90 0.47
CA VAL A 6 -6.41 15.00 1.46
C VAL A 6 -5.78 13.60 1.40
N ILE A 7 -5.85 12.86 2.47
CA ILE A 7 -5.27 11.49 2.50
C ILE A 7 -5.46 10.78 1.15
N ARG A 8 -4.38 10.48 0.48
CA ARG A 8 -4.49 9.79 -0.84
C ARG A 8 -4.56 8.27 -0.63
N CYS A 9 -5.29 7.57 -1.47
CA CYS A 9 -5.39 6.09 -1.30
C CYS A 9 -4.14 5.41 -1.89
N TRP A 10 -3.70 4.36 -1.26
CA TRP A 10 -2.47 3.63 -1.72
C TRP A 10 -2.81 2.52 -2.71
N ASN A 11 -3.35 1.43 -2.23
CA ASN A 11 -3.68 0.29 -3.12
C ASN A 11 -4.57 0.71 -4.29
N CYS A 12 -5.12 1.89 -4.25
CA CYS A 12 -6.00 2.31 -5.38
C CYS A 12 -5.66 3.73 -5.84
N GLY A 13 -4.65 4.33 -5.27
CA GLY A 13 -4.26 5.71 -5.68
C GLY A 13 -5.51 6.56 -5.86
N LYS A 14 -5.95 7.22 -4.81
CA LYS A 14 -7.17 8.08 -4.92
C LYS A 14 -7.53 8.68 -3.56
N GLU A 15 -7.58 9.99 -3.48
CA GLU A 15 -7.94 10.64 -2.19
C GLU A 15 -9.21 10.04 -1.61
N GLY A 16 -9.53 10.36 -0.39
CA GLY A 16 -10.77 9.80 0.23
C GLY A 16 -10.39 8.88 1.40
N HIS A 17 -9.28 8.18 1.29
CA HIS A 17 -8.87 7.27 2.40
C HIS A 17 -7.38 6.93 2.27
N SER A 18 -6.87 6.14 3.17
CA SER A 18 -5.42 5.78 3.10
C SER A 18 -5.26 4.39 2.48
N ALA A 19 -4.19 3.71 2.82
CA ALA A 19 -4.00 2.34 2.25
C ALA A 19 -4.74 1.31 3.10
N ARG A 20 -5.13 1.67 4.29
CA ARG A 20 -5.87 0.72 5.16
C ARG A 20 -7.22 0.39 4.51
N GLN A 21 -7.59 1.14 3.51
CA GLN A 21 -8.90 0.89 2.83
C GLN A 21 -8.64 0.47 1.37
N CYS A 22 -7.47 0.72 0.88
CA CYS A 22 -7.16 0.33 -0.54
C CYS A 22 -6.66 -1.10 -0.60
N ARG A 23 -7.13 -1.82 -1.56
CA ARG A 23 -6.74 -3.24 -1.71
C ARG A 23 -7.04 -3.72 -3.13
N ALA A 24 -7.26 -2.81 -4.04
CA ALA A 24 -7.55 -3.20 -5.45
C ALA A 24 -6.65 -4.36 -5.87
N PRO A 25 -7.09 -5.09 -6.86
CA PRO A 25 -6.30 -6.25 -7.34
C PRO A 25 -5.00 -5.78 -7.99
N ARG A 26 -5.08 -4.73 -8.76
CA ARG A 26 -3.87 -4.18 -9.41
C ARG A 26 -2.66 -4.25 -8.49
N ARG A 27 -2.73 -3.55 -7.39
CA ARG A 27 -1.60 -3.53 -6.44
C ARG A 27 -1.35 -4.90 -5.83
N GLN A 28 -0.43 -4.97 -4.92
CA GLN A 28 -0.11 -6.28 -4.26
C GLN A 28 0.13 -6.06 -2.77
N GLY A 29 -0.92 -6.06 -1.99
CA GLY A 29 -0.78 -5.87 -0.51
C GLY A 29 0.14 -4.68 -0.23
N CYS A 30 1.33 -4.94 0.25
CA CYS A 30 2.27 -3.83 0.58
C CYS A 30 2.35 -2.83 -0.57
N TRP A 31 3.14 -1.80 -0.41
CA TRP A 31 3.28 -0.77 -1.48
C TRP A 31 4.73 -0.68 -1.94
N LYS A 32 5.66 -0.65 -1.03
CA LYS A 32 7.09 -0.56 -1.44
C LYS A 32 7.74 -1.95 -1.41
N CYS A 33 6.94 -2.98 -1.29
CA CYS A 33 7.51 -4.36 -1.25
C CYS A 33 6.93 -5.21 -2.40
N GLY A 34 5.64 -5.14 -2.61
CA GLY A 34 5.02 -5.93 -3.70
C GLY A 34 4.74 -7.35 -3.20
N LYS A 35 3.63 -7.55 -2.54
CA LYS A 35 3.31 -8.91 -2.03
C LYS A 35 1.82 -9.21 -2.22
N THR A 36 1.01 -9.00 -1.22
CA THR A 36 -0.44 -9.28 -1.36
C THR A 36 -1.14 -9.17 0.01
N GLY A 37 -0.96 -10.14 0.86
CA GLY A 37 -1.60 -10.08 2.20
C GLY A 37 -0.82 -9.12 3.10
N HIS A 38 0.43 -9.40 3.33
CA HIS A 38 1.25 -8.50 4.20
C HIS A 38 1.05 -7.04 3.75
N VAL A 39 1.26 -6.11 4.64
CA VAL A 39 1.09 -4.67 4.26
C VAL A 39 2.09 -3.81 5.02
N MET A 40 2.16 -2.55 4.69
CA MET A 40 3.12 -1.65 5.40
C MET A 40 3.09 -1.94 6.90
N ALA A 41 1.98 -2.41 7.39
CA ALA A 41 1.88 -2.73 8.84
C ALA A 41 2.95 -3.73 9.23
N LYS A 42 3.15 -4.71 8.40
CA LYS A 42 4.15 -5.75 8.69
C LYS A 42 5.20 -5.79 7.58
N CYS A 43 5.52 -4.64 7.03
CA CYS A 43 6.52 -4.58 5.94
C CYS A 43 7.96 -4.35 6.45
N PRO A 44 8.14 -3.89 7.68
CA PRO A 44 9.52 -3.63 8.17
C PRO A 44 10.26 -4.96 8.42
N GLU A 45 10.89 -5.49 7.41
CA GLU A 45 11.63 -6.77 7.58
C GLU A 45 13.13 -6.48 7.68
N ARG A 46 13.49 -5.37 8.27
CA ARG A 46 14.93 -5.02 8.40
C ARG A 46 15.58 -4.87 7.02
N GLN A 47 16.28 -3.79 6.80
CA GLN A 47 16.93 -3.59 5.48
C GLN A 47 18.43 -3.84 5.58
N ALA A 48 18.98 -4.59 4.65
CA ALA A 48 20.45 -4.86 4.68
C ALA A 48 20.89 -5.48 3.36
N GLY A 49 20.50 -6.71 3.10
CA GLY A 49 20.89 -7.36 1.83
C GLY A 49 19.74 -7.26 0.83
ZN ZN B . -6.60 3.91 -5.13
ZN ZN C . 7.84 -6.55 -0.62
N ALA A 1 -21.96 16.12 -8.94
CA ALA A 1 -20.90 15.37 -8.19
C ALA A 1 -21.39 15.03 -6.78
N GLN A 2 -20.69 14.17 -6.09
CA GLN A 2 -21.12 13.79 -4.72
C GLN A 2 -20.04 12.96 -4.03
N GLN A 3 -20.28 12.54 -2.81
CA GLN A 3 -19.26 11.70 -2.10
C GLN A 3 -18.02 12.54 -1.79
N ARG A 4 -18.00 13.23 -0.69
CA ARG A 4 -16.82 14.05 -0.34
C ARG A 4 -15.71 13.17 0.25
N LYS A 5 -14.47 13.51 0.02
CA LYS A 5 -13.35 12.67 0.56
C LYS A 5 -13.69 12.18 1.97
N VAL A 6 -13.56 10.90 2.20
CA VAL A 6 -13.85 10.34 3.55
C VAL A 6 -12.85 9.23 3.87
N ILE A 7 -11.89 9.50 4.71
CA ILE A 7 -10.89 8.46 5.07
C ILE A 7 -10.11 8.05 3.81
N ARG A 8 -8.82 7.87 3.93
CA ARG A 8 -8.01 7.47 2.75
C ARG A 8 -7.55 6.02 2.90
N CYS A 9 -8.16 5.12 2.18
CA CYS A 9 -7.78 3.69 2.28
C CYS A 9 -6.29 3.51 1.98
N TRP A 10 -5.62 2.67 2.71
CA TRP A 10 -4.17 2.45 2.47
C TRP A 10 -3.98 1.43 1.34
N ASN A 11 -4.97 0.63 1.07
CA ASN A 11 -4.83 -0.37 -0.01
C ASN A 11 -4.50 0.34 -1.33
N CYS A 12 -5.37 1.19 -1.78
CA CYS A 12 -5.11 1.94 -3.04
C CYS A 12 -4.69 3.38 -2.74
N GLY A 13 -4.86 3.81 -1.52
CA GLY A 13 -4.47 5.20 -1.15
C GLY A 13 -5.43 6.21 -1.77
N LYS A 14 -6.59 6.38 -1.19
CA LYS A 14 -7.57 7.37 -1.75
C LYS A 14 -8.56 7.83 -0.66
N GLU A 15 -8.61 9.11 -0.40
CA GLU A 15 -9.55 9.64 0.64
C GLU A 15 -10.99 9.31 0.26
N GLY A 16 -11.38 8.07 0.40
CA GLY A 16 -12.79 7.69 0.06
C GLY A 16 -13.26 6.59 1.01
N HIS A 17 -12.40 5.66 1.34
CA HIS A 17 -12.80 4.56 2.25
C HIS A 17 -11.56 3.95 2.91
N SER A 18 -11.68 2.78 3.48
CA SER A 18 -10.51 2.14 4.13
C SER A 18 -9.94 1.05 3.22
N ALA A 19 -8.71 0.67 3.45
CA ALA A 19 -8.09 -0.38 2.60
C ALA A 19 -9.01 -1.61 2.52
N ARG A 20 -9.43 -2.11 3.64
CA ARG A 20 -10.33 -3.30 3.64
C ARG A 20 -11.37 -3.17 2.52
N GLN A 21 -11.81 -1.97 2.26
CA GLN A 21 -12.82 -1.76 1.18
C GLN A 21 -12.12 -1.69 -0.18
N CYS A 22 -11.03 -1.00 -0.25
CA CYS A 22 -10.29 -0.87 -1.55
C CYS A 22 -9.29 -2.02 -1.69
N ARG A 23 -9.13 -2.50 -2.89
CA ARG A 23 -8.16 -3.60 -3.12
C ARG A 23 -7.33 -3.26 -4.37
N ALA A 24 -7.44 -2.04 -4.85
CA ALA A 24 -6.68 -1.66 -6.06
C ALA A 24 -6.79 -2.82 -7.07
N PRO A 25 -5.81 -3.05 -7.90
CA PRO A 25 -5.95 -4.19 -8.81
C PRO A 25 -5.89 -5.45 -7.96
N ARG A 26 -4.74 -6.03 -7.78
CA ARG A 26 -4.64 -7.20 -6.91
C ARG A 26 -4.29 -6.74 -5.49
N ARG A 27 -3.62 -5.60 -5.42
CA ARG A 27 -3.16 -4.97 -4.12
C ARG A 27 -1.71 -4.54 -4.29
N GLN A 28 -1.15 -3.91 -3.30
CA GLN A 28 0.29 -3.50 -3.42
C GLN A 28 1.18 -4.63 -2.98
N GLY A 29 0.90 -5.83 -3.44
CA GLY A 29 1.71 -7.02 -3.07
C GLY A 29 2.39 -6.81 -1.71
N CYS A 30 3.58 -6.27 -1.74
CA CYS A 30 4.30 -6.00 -0.48
C CYS A 30 3.99 -4.59 0.02
N TRP A 31 3.61 -4.45 1.26
CA TRP A 31 3.34 -3.08 1.77
C TRP A 31 4.39 -2.73 2.81
N LYS A 32 4.91 -3.72 3.47
CA LYS A 32 5.97 -3.46 4.47
C LYS A 32 7.31 -3.28 3.76
N CYS A 33 7.29 -3.38 2.44
CA CYS A 33 8.55 -3.23 1.67
C CYS A 33 8.46 -2.01 0.73
N GLY A 34 7.57 -2.07 -0.23
CA GLY A 34 7.43 -0.92 -1.17
C GLY A 34 7.37 -1.44 -2.62
N LYS A 35 6.67 -2.52 -2.83
CA LYS A 35 6.58 -3.08 -4.21
C LYS A 35 5.41 -4.06 -4.32
N THR A 36 4.59 -3.91 -5.33
CA THR A 36 3.43 -4.82 -5.49
C THR A 36 3.91 -6.25 -5.83
N GLY A 37 2.99 -7.14 -6.05
CA GLY A 37 3.38 -8.54 -6.39
C GLY A 37 4.10 -9.18 -5.20
N HIS A 38 5.40 -9.23 -5.25
CA HIS A 38 6.17 -9.84 -4.13
C HIS A 38 5.58 -9.39 -2.79
N VAL A 39 5.62 -10.24 -1.79
CA VAL A 39 5.05 -9.87 -0.46
C VAL A 39 6.12 -10.04 0.63
N MET A 40 5.92 -9.42 1.77
CA MET A 40 6.93 -9.57 2.86
C MET A 40 7.35 -11.04 2.97
N ALA A 41 6.48 -11.93 2.59
CA ALA A 41 6.81 -13.38 2.64
C ALA A 41 7.77 -13.74 1.51
N LYS A 42 7.41 -13.35 0.33
CA LYS A 42 8.23 -13.68 -0.85
C LYS A 42 9.06 -12.47 -1.29
N CYS A 43 9.51 -11.68 -0.35
CA CYS A 43 10.34 -10.48 -0.71
C CYS A 43 11.82 -10.86 -0.73
N PRO A 44 12.47 -10.54 -1.82
CA PRO A 44 13.90 -10.85 -1.96
C PRO A 44 14.75 -9.88 -1.13
N GLU A 45 14.13 -8.97 -0.45
CA GLU A 45 14.91 -8.01 0.38
C GLU A 45 16.07 -7.42 -0.43
N ARG A 46 15.78 -6.63 -1.43
CA ARG A 46 16.86 -6.04 -2.25
C ARG A 46 17.90 -7.10 -2.61
N GLN A 47 17.73 -7.78 -3.71
CA GLN A 47 18.70 -8.82 -4.11
C GLN A 47 19.28 -8.50 -5.50
N ALA A 48 19.53 -9.51 -6.29
CA ALA A 48 20.10 -9.25 -7.64
C ALA A 48 19.19 -8.30 -8.43
N GLY A 49 19.74 -7.22 -8.93
CA GLY A 49 18.91 -6.25 -9.70
C GLY A 49 19.80 -5.18 -10.32
ZN ZN B . -6.60 3.91 -5.13
ZN ZN C . 7.84 -6.55 -0.62
N ALA A 1 -20.97 13.27 4.93
CA ALA A 1 -20.73 14.17 6.09
C ALA A 1 -19.60 15.16 5.77
N GLN A 2 -18.77 15.46 6.72
CA GLN A 2 -17.65 16.42 6.48
C GLN A 2 -16.55 15.73 5.68
N GLN A 3 -16.12 14.58 6.13
CA GLN A 3 -15.03 13.86 5.42
C GLN A 3 -13.74 14.66 5.46
N ARG A 4 -13.06 14.63 6.57
CA ARG A 4 -11.78 15.40 6.67
C ARG A 4 -10.88 15.09 5.47
N LYS A 5 -10.69 16.05 4.61
CA LYS A 5 -9.81 15.81 3.42
C LYS A 5 -10.34 14.61 2.62
N VAL A 6 -9.98 14.52 1.37
CA VAL A 6 -10.46 13.37 0.54
C VAL A 6 -9.56 12.15 0.75
N ILE A 7 -9.74 11.48 1.87
CA ILE A 7 -8.91 10.26 2.20
C ILE A 7 -8.12 9.75 0.99
N ARG A 8 -6.82 9.85 1.03
CA ARG A 8 -5.99 9.36 -0.11
C ARG A 8 -5.83 7.84 -0.01
N CYS A 9 -6.53 7.10 -0.83
CA CYS A 9 -6.42 5.61 -0.77
C CYS A 9 -5.01 5.14 -1.18
N TRP A 10 -4.30 4.55 -0.26
CA TRP A 10 -2.91 4.07 -0.59
C TRP A 10 -2.96 2.62 -1.10
N ASN A 11 -4.12 2.14 -1.44
CA ASN A 11 -4.22 0.75 -1.95
C ASN A 11 -4.37 0.78 -3.47
N CYS A 12 -4.97 1.81 -3.99
CA CYS A 12 -5.15 1.90 -5.47
C CYS A 12 -4.50 3.19 -5.99
N GLY A 13 -4.32 4.16 -5.13
CA GLY A 13 -3.69 5.44 -5.58
C GLY A 13 -4.81 6.40 -6.02
N LYS A 14 -5.82 6.58 -5.21
CA LYS A 14 -6.92 7.50 -5.59
C LYS A 14 -7.73 7.90 -4.35
N GLU A 15 -7.70 9.15 -4.00
CA GLU A 15 -8.47 9.62 -2.81
C GLU A 15 -9.93 9.12 -2.88
N GLY A 16 -10.72 9.45 -1.90
CA GLY A 16 -12.15 9.00 -1.91
C GLY A 16 -12.43 8.14 -0.67
N HIS A 17 -11.44 7.45 -0.17
CA HIS A 17 -11.66 6.60 1.03
C HIS A 17 -10.32 6.27 1.68
N SER A 18 -10.32 5.43 2.69
CA SER A 18 -9.04 5.06 3.36
C SER A 18 -8.27 4.04 2.54
N ALA A 19 -7.20 3.53 3.08
CA ALA A 19 -6.38 2.53 2.34
C ALA A 19 -6.84 1.10 2.65
N ARG A 20 -7.11 0.80 3.90
CA ARG A 20 -7.53 -0.58 4.26
C ARG A 20 -8.92 -0.89 3.68
N GLN A 21 -9.59 0.08 3.13
CA GLN A 21 -10.94 -0.19 2.56
C GLN A 21 -10.83 -0.60 1.08
N CYS A 22 -9.93 0.01 0.36
CA CYS A 22 -9.78 -0.33 -1.08
C CYS A 22 -8.78 -1.47 -1.26
N ARG A 23 -9.00 -2.29 -2.25
CA ARG A 23 -8.07 -3.41 -2.53
C ARG A 23 -7.55 -3.23 -3.96
N ALA A 24 -8.03 -2.24 -4.67
CA ALA A 24 -7.58 -2.02 -6.07
C ALA A 24 -7.48 -3.38 -6.76
N PRO A 25 -6.76 -3.44 -7.86
CA PRO A 25 -6.64 -4.74 -8.55
C PRO A 25 -5.74 -5.63 -7.70
N ARG A 26 -4.49 -5.77 -8.05
CA ARG A 26 -3.61 -6.61 -7.24
C ARG A 26 -2.88 -5.82 -6.19
N ARG A 27 -3.36 -4.62 -5.92
CA ARG A 27 -2.77 -3.73 -4.86
C ARG A 27 -1.47 -4.31 -4.29
N GLN A 28 -0.51 -4.49 -5.14
CA GLN A 28 0.83 -5.06 -4.74
C GLN A 28 0.93 -5.32 -3.24
N GLY A 29 1.09 -6.56 -2.86
CA GLY A 29 1.19 -6.90 -1.42
C GLY A 29 1.89 -5.79 -0.65
N CYS A 30 3.19 -5.85 -0.54
CA CYS A 30 3.90 -4.75 0.17
C CYS A 30 3.94 -3.52 -0.74
N TRP A 31 4.18 -2.37 -0.19
CA TRP A 31 4.21 -1.16 -1.04
C TRP A 31 5.65 -0.81 -1.40
N LYS A 32 6.48 -0.56 -0.43
CA LYS A 32 7.90 -0.22 -0.74
C LYS A 32 8.51 -1.36 -1.57
N CYS A 33 8.14 -2.58 -1.29
CA CYS A 33 8.69 -3.74 -2.06
C CYS A 33 7.79 -4.96 -1.88
N GLY A 34 6.62 -4.95 -2.48
CA GLY A 34 5.71 -6.12 -2.32
C GLY A 34 5.91 -7.10 -3.48
N LYS A 35 5.19 -6.90 -4.55
CA LYS A 35 5.32 -7.83 -5.71
C LYS A 35 5.00 -9.27 -5.28
N THR A 36 4.19 -9.43 -4.28
CA THR A 36 3.83 -10.80 -3.80
C THR A 36 2.79 -10.71 -2.69
N GLY A 37 2.94 -11.47 -1.63
CA GLY A 37 1.95 -11.42 -0.53
C GLY A 37 2.58 -10.73 0.69
N HIS A 38 3.83 -10.97 0.95
CA HIS A 38 4.49 -10.32 2.12
C HIS A 38 4.11 -8.84 2.16
N VAL A 39 3.70 -8.36 3.31
CA VAL A 39 3.29 -6.93 3.42
C VAL A 39 4.34 -6.12 4.19
N MET A 40 4.17 -4.83 4.25
CA MET A 40 5.15 -3.97 4.99
C MET A 40 5.09 -4.29 6.49
N ALA A 41 4.04 -4.93 6.93
CA ALA A 41 3.91 -5.27 8.37
C ALA A 41 5.07 -6.16 8.81
N LYS A 42 5.75 -6.74 7.87
CA LYS A 42 6.86 -7.65 8.24
C LYS A 42 7.96 -7.63 7.17
N CYS A 43 7.95 -6.64 6.32
CA CYS A 43 9.00 -6.57 5.25
C CYS A 43 10.21 -5.77 5.76
N PRO A 44 11.37 -6.32 5.55
CA PRO A 44 12.62 -5.65 5.97
C PRO A 44 12.93 -4.49 5.02
N GLU A 45 12.57 -3.28 5.39
CA GLU A 45 12.85 -2.12 4.50
C GLU A 45 14.19 -1.49 4.86
N ARG A 46 15.19 -2.29 5.07
CA ARG A 46 16.53 -1.74 5.42
C ARG A 46 16.39 -0.60 6.43
N GLN A 47 16.04 -0.92 7.66
CA GLN A 47 15.89 0.15 8.68
C GLN A 47 17.15 0.26 9.54
N ALA A 48 18.19 0.86 9.01
CA ALA A 48 19.44 1.00 9.79
C ALA A 48 19.36 2.21 10.72
N GLY A 49 19.00 2.00 11.96
CA GLY A 49 18.91 3.14 12.91
C GLY A 49 17.53 3.13 13.58
ZN ZN B . -6.60 3.91 -5.13
ZN ZN C . 7.84 -6.55 -0.62
N ALA A 1 5.41 17.59 -11.47
CA ALA A 1 4.50 16.50 -11.90
C ALA A 1 3.48 16.19 -10.81
N GLN A 2 3.16 17.17 -10.00
CA GLN A 2 2.18 16.93 -8.90
C GLN A 2 2.61 15.72 -8.06
N GLN A 3 3.70 15.82 -7.36
CA GLN A 3 4.18 14.68 -6.53
C GLN A 3 3.62 14.79 -5.12
N ARG A 4 3.34 13.68 -4.50
CA ARG A 4 2.78 13.70 -3.10
C ARG A 4 1.48 14.51 -3.06
N LYS A 5 0.56 14.13 -2.21
CA LYS A 5 -0.73 14.87 -2.13
C LYS A 5 -1.73 14.11 -1.26
N VAL A 6 -1.81 14.45 0.00
CA VAL A 6 -2.77 13.75 0.90
C VAL A 6 -2.43 12.25 0.96
N ILE A 7 -2.75 11.62 2.07
CA ILE A 7 -2.45 10.18 2.24
C ILE A 7 -2.60 9.40 0.92
N ARG A 8 -1.73 8.45 0.69
CA ARG A 8 -1.81 7.64 -0.56
C ARG A 8 -2.29 6.23 -0.23
N CYS A 9 -3.22 5.72 -0.99
CA CYS A 9 -3.74 4.35 -0.70
C CYS A 9 -2.65 3.28 -0.92
N TRP A 10 -2.78 2.16 -0.27
CA TRP A 10 -1.76 1.07 -0.44
C TRP A 10 -2.07 0.24 -1.69
N ASN A 11 -3.06 -0.61 -1.57
CA ASN A 11 -3.45 -1.50 -2.68
C ASN A 11 -3.26 -0.81 -4.03
N CYS A 12 -3.66 0.43 -4.16
CA CYS A 12 -3.48 1.13 -5.46
C CYS A 12 -2.20 1.98 -5.42
N GLY A 13 -1.66 2.21 -4.26
CA GLY A 13 -0.42 3.02 -4.14
C GLY A 13 -0.56 4.31 -4.96
N LYS A 14 -1.26 5.28 -4.43
CA LYS A 14 -1.42 6.56 -5.17
C LYS A 14 -2.15 7.60 -4.32
N GLU A 15 -1.48 8.67 -4.00
CA GLU A 15 -2.09 9.76 -3.19
C GLU A 15 -3.59 9.88 -3.47
N GLY A 16 -4.39 10.11 -2.46
CA GLY A 16 -5.86 10.24 -2.70
C GLY A 16 -6.63 9.80 -1.45
N HIS A 17 -6.32 8.65 -0.91
CA HIS A 17 -7.04 8.18 0.30
C HIS A 17 -6.21 7.12 1.05
N SER A 18 -6.81 6.39 1.93
CA SER A 18 -6.03 5.35 2.68
C SER A 18 -6.22 3.98 2.04
N ALA A 19 -5.62 2.96 2.62
CA ALA A 19 -5.75 1.60 2.05
C ALA A 19 -7.08 0.97 2.49
N ARG A 20 -7.73 1.56 3.47
CA ARG A 20 -9.02 1.00 3.95
C ARG A 20 -10.13 1.24 2.93
N GLN A 21 -10.01 2.29 2.14
CA GLN A 21 -11.06 2.57 1.13
C GLN A 21 -10.76 1.83 -0.18
N CYS A 22 -9.58 2.03 -0.72
CA CYS A 22 -9.22 1.35 -1.99
C CYS A 22 -8.86 -0.11 -1.75
N ARG A 23 -9.16 -0.93 -2.71
CA ARG A 23 -8.88 -2.37 -2.59
C ARG A 23 -8.57 -2.91 -3.99
N ALA A 24 -8.16 -2.04 -4.87
CA ALA A 24 -7.84 -2.44 -6.28
C ALA A 24 -7.28 -3.87 -6.35
N PRO A 25 -7.37 -4.46 -7.51
CA PRO A 25 -6.89 -5.85 -7.73
C PRO A 25 -5.37 -5.98 -7.56
N ARG A 26 -4.61 -5.44 -8.47
CA ARG A 26 -3.12 -5.56 -8.38
C ARG A 26 -2.66 -5.45 -6.92
N ARG A 27 -3.20 -4.50 -6.21
CA ARG A 27 -2.81 -4.31 -4.79
C ARG A 27 -1.29 -4.34 -4.60
N GLN A 28 -0.86 -4.10 -3.39
CA GLN A 28 0.61 -4.11 -3.10
C GLN A 28 1.00 -5.46 -2.49
N GLY A 29 1.77 -6.24 -3.20
CA GLY A 29 2.20 -7.56 -2.65
C GLY A 29 2.49 -7.41 -1.16
N CYS A 30 3.30 -6.46 -0.81
CA CYS A 30 3.58 -6.22 0.63
C CYS A 30 2.59 -5.21 1.17
N TRP A 31 1.74 -5.63 2.06
CA TRP A 31 0.73 -4.69 2.60
C TRP A 31 1.00 -4.39 4.07
N LYS A 32 2.13 -4.82 4.56
CA LYS A 32 2.44 -4.55 6.00
C LYS A 32 3.94 -4.60 6.27
N CYS A 33 4.77 -4.61 5.25
CA CYS A 33 6.24 -4.69 5.52
C CYS A 33 7.12 -4.22 4.36
N GLY A 34 6.71 -4.44 3.14
CA GLY A 34 7.61 -4.04 2.01
C GLY A 34 6.84 -3.40 0.86
N LYS A 35 7.20 -3.75 -0.35
CA LYS A 35 6.55 -3.16 -1.55
C LYS A 35 5.59 -4.15 -2.23
N THR A 36 6.06 -4.87 -3.21
CA THR A 36 5.15 -5.83 -3.90
C THR A 36 5.89 -7.10 -4.32
N GLY A 37 7.09 -6.97 -4.81
CA GLY A 37 7.86 -8.18 -5.25
C GLY A 37 7.62 -9.33 -4.27
N HIS A 38 8.28 -9.32 -3.15
CA HIS A 38 8.07 -10.38 -2.14
C HIS A 38 6.72 -10.14 -1.43
N VAL A 39 6.10 -11.17 -0.92
CA VAL A 39 4.77 -10.96 -0.25
C VAL A 39 4.89 -11.14 1.27
N MET A 40 3.80 -10.94 1.96
CA MET A 40 3.83 -11.11 3.45
C MET A 40 4.24 -12.52 3.83
N ALA A 41 4.07 -13.45 2.91
CA ALA A 41 4.46 -14.86 3.20
C ALA A 41 5.96 -14.98 3.35
N LYS A 42 6.67 -13.92 3.08
CA LYS A 42 8.15 -14.01 3.18
C LYS A 42 8.78 -12.62 3.37
N CYS A 43 8.00 -11.64 3.70
CA CYS A 43 8.57 -10.28 3.91
C CYS A 43 8.95 -10.03 5.37
N PRO A 44 8.26 -10.68 6.29
CA PRO A 44 8.58 -10.45 7.71
C PRO A 44 9.80 -11.26 8.11
N GLU A 45 9.61 -12.49 8.50
CA GLU A 45 10.76 -13.32 8.93
C GLU A 45 10.41 -14.80 8.77
N ARG A 46 11.13 -15.51 7.95
CA ARG A 46 10.84 -16.96 7.72
C ARG A 46 10.32 -17.62 9.00
N GLN A 47 9.03 -17.70 9.16
CA GLN A 47 8.47 -18.34 10.40
C GLN A 47 7.98 -19.75 10.10
N ALA A 48 8.88 -20.65 9.80
CA ALA A 48 8.45 -22.05 9.50
C ALA A 48 8.58 -22.91 10.78
N GLY A 49 9.14 -22.37 11.81
CA GLY A 49 9.28 -23.15 13.08
C GLY A 49 9.99 -22.30 14.13
ZN ZN B . -6.60 3.91 -5.13
ZN ZN C . 7.84 -6.55 -0.62
N ALA A 1 3.68 9.48 -8.01
CA ALA A 1 3.83 9.59 -9.49
C ALA A 1 4.45 10.94 -9.87
N GLN A 2 5.54 11.31 -9.24
CA GLN A 2 6.18 12.62 -9.56
C GLN A 2 5.12 13.70 -9.70
N GLN A 3 4.31 13.88 -8.70
CA GLN A 3 3.24 14.92 -8.78
C GLN A 3 2.66 15.17 -7.39
N ARG A 4 1.71 16.06 -7.29
CA ARG A 4 1.10 16.34 -5.96
C ARG A 4 0.90 15.04 -5.19
N LYS A 5 0.78 15.09 -3.90
CA LYS A 5 0.61 13.82 -3.13
C LYS A 5 -0.26 14.02 -1.89
N VAL A 6 -1.55 14.05 -2.05
CA VAL A 6 -2.46 14.19 -0.87
C VAL A 6 -2.85 12.80 -0.38
N ILE A 7 -3.14 12.65 0.89
CA ILE A 7 -3.53 11.30 1.46
C ILE A 7 -3.40 10.20 0.40
N ARG A 8 -2.19 9.87 0.05
CA ARG A 8 -1.97 8.83 -1.00
C ARG A 8 -2.16 7.43 -0.43
N CYS A 9 -2.77 6.57 -1.19
CA CYS A 9 -3.01 5.17 -0.73
C CYS A 9 -1.90 4.25 -1.25
N TRP A 10 -1.70 3.13 -0.59
CA TRP A 10 -0.65 2.16 -1.05
C TRP A 10 -1.29 1.18 -2.01
N ASN A 11 -2.36 0.59 -1.57
CA ASN A 11 -3.07 -0.42 -2.38
C ASN A 11 -2.99 -0.08 -3.88
N CYS A 12 -3.11 1.17 -4.22
CA CYS A 12 -3.06 1.55 -5.66
C CYS A 12 -2.07 2.70 -5.88
N GLY A 13 -1.74 3.43 -4.85
CA GLY A 13 -0.79 4.56 -5.02
C GLY A 13 -1.52 5.77 -5.57
N LYS A 14 -2.29 6.45 -4.76
CA LYS A 14 -3.02 7.65 -5.26
C LYS A 14 -3.65 8.42 -4.10
N GLU A 15 -3.75 9.72 -4.23
CA GLU A 15 -4.36 10.55 -3.15
C GLU A 15 -5.86 10.25 -3.03
N GLY A 16 -6.48 10.71 -1.99
CA GLY A 16 -7.95 10.48 -1.83
C GLY A 16 -8.21 9.69 -0.55
N HIS A 17 -7.37 8.76 -0.23
CA HIS A 17 -7.59 7.96 1.02
C HIS A 17 -6.29 7.28 1.45
N SER A 18 -6.37 6.31 2.31
CA SER A 18 -5.15 5.59 2.77
C SER A 18 -5.13 4.17 2.21
N ALA A 19 -4.34 3.30 2.80
CA ALA A 19 -4.29 1.90 2.29
C ALA A 19 -5.40 1.06 2.91
N ARG A 20 -6.03 1.56 3.94
CA ARG A 20 -7.12 0.77 4.58
C ARG A 20 -8.46 1.09 3.90
N GLN A 21 -8.42 1.62 2.71
CA GLN A 21 -9.70 1.95 2.00
C GLN A 21 -9.65 1.40 0.58
N CYS A 22 -8.52 1.48 -0.07
CA CYS A 22 -8.41 0.97 -1.46
C CYS A 22 -8.03 -0.51 -1.47
N ARG A 23 -8.80 -1.31 -2.14
CA ARG A 23 -8.49 -2.76 -2.21
C ARG A 23 -8.38 -3.16 -3.69
N ALA A 24 -7.95 -2.24 -4.51
CA ALA A 24 -7.81 -2.53 -5.97
C ALA A 24 -7.29 -3.96 -6.17
N PRO A 25 -7.45 -4.47 -7.36
CA PRO A 25 -7.00 -5.84 -7.67
C PRO A 25 -5.47 -5.93 -7.74
N ARG A 26 -4.88 -5.23 -8.66
CA ARG A 26 -3.40 -5.28 -8.79
C ARG A 26 -2.70 -5.23 -7.42
N ARG A 27 -2.97 -4.22 -6.64
CA ARG A 27 -2.33 -4.09 -5.29
C ARG A 27 -0.84 -4.43 -5.34
N GLN A 28 -0.20 -4.39 -4.20
CA GLN A 28 1.26 -4.71 -4.14
C GLN A 28 1.54 -5.46 -2.85
N GLY A 29 0.82 -6.51 -2.60
CA GLY A 29 1.03 -7.29 -1.35
C GLY A 29 1.29 -6.31 -0.20
N CYS A 30 2.44 -6.39 0.40
CA CYS A 30 2.75 -5.45 1.50
C CYS A 30 3.47 -4.21 0.94
N TRP A 31 3.10 -3.04 1.38
CA TRP A 31 3.82 -1.81 0.89
C TRP A 31 4.96 -1.53 1.86
N LYS A 32 4.81 -1.97 3.07
CA LYS A 32 5.86 -1.77 4.09
C LYS A 32 6.86 -2.93 4.03
N CYS A 33 6.71 -3.81 3.08
CA CYS A 33 7.64 -4.96 2.97
C CYS A 33 7.90 -5.31 1.51
N GLY A 34 6.88 -5.25 0.68
CA GLY A 34 7.08 -5.55 -0.77
C GLY A 34 6.57 -6.95 -1.11
N LYS A 35 6.59 -7.86 -0.18
CA LYS A 35 6.10 -9.24 -0.46
C LYS A 35 4.74 -9.20 -1.17
N THR A 36 4.21 -10.34 -1.52
CA THR A 36 2.90 -10.37 -2.22
C THR A 36 1.81 -10.94 -1.28
N GLY A 37 1.83 -12.22 -1.08
CA GLY A 37 0.80 -12.83 -0.18
C GLY A 37 0.73 -12.05 1.13
N HIS A 38 1.85 -11.88 1.80
CA HIS A 38 1.84 -11.12 3.09
C HIS A 38 1.78 -9.61 2.81
N VAL A 39 0.87 -8.93 3.46
CA VAL A 39 0.75 -7.45 3.25
C VAL A 39 0.93 -6.71 4.57
N MET A 40 0.58 -5.45 4.61
CA MET A 40 0.73 -4.69 5.88
C MET A 40 0.05 -5.46 7.02
N ALA A 41 -1.07 -6.07 6.75
CA ALA A 41 -1.76 -6.86 7.81
C ALA A 41 -0.83 -7.95 8.30
N LYS A 42 0.13 -8.29 7.50
CA LYS A 42 1.07 -9.36 7.88
C LYS A 42 2.42 -9.11 7.20
N CYS A 43 3.05 -8.02 7.52
CA CYS A 43 4.36 -7.67 6.91
C CYS A 43 5.40 -8.80 7.16
N PRO A 44 6.61 -8.54 7.68
CA PRO A 44 7.54 -9.69 7.86
C PRO A 44 6.96 -10.65 8.89
N GLU A 45 6.04 -11.48 8.46
CA GLU A 45 5.40 -12.44 9.39
C GLU A 45 4.55 -13.44 8.61
N ARG A 46 5.07 -14.61 8.36
CA ARG A 46 4.28 -15.63 7.61
C ARG A 46 4.05 -15.16 6.18
N GLN A 47 4.61 -15.85 5.21
CA GLN A 47 4.42 -15.44 3.79
C GLN A 47 3.41 -16.36 3.11
N ALA A 48 3.05 -17.44 3.75
CA ALA A 48 2.06 -18.39 3.13
C ALA A 48 0.64 -18.02 3.58
N GLY A 49 -0.34 -18.67 3.02
CA GLY A 49 -1.75 -18.36 3.42
C GLY A 49 -2.09 -19.10 4.71
ZN ZN B . -6.60 3.91 -5.13
ZN ZN C . 7.84 -6.55 -0.62
N ALA A 1 -12.66 13.25 20.10
CA ALA A 1 -11.30 12.95 19.54
C ALA A 1 -11.15 13.59 18.15
N GLN A 2 -9.97 13.54 17.60
CA GLN A 2 -9.74 14.14 16.25
C GLN A 2 -8.89 13.20 15.38
N GLN A 3 -8.94 13.37 14.08
CA GLN A 3 -8.13 12.49 13.19
C GLN A 3 -7.23 13.33 12.30
N ARG A 4 -6.37 12.70 11.55
CA ARG A 4 -5.46 13.47 10.65
C ARG A 4 -6.00 13.43 9.21
N LYS A 5 -6.84 14.36 8.86
CA LYS A 5 -7.39 14.36 7.47
C LYS A 5 -8.07 13.03 7.16
N VAL A 6 -8.80 12.96 6.08
CA VAL A 6 -9.49 11.67 5.75
C VAL A 6 -8.46 10.60 5.37
N ILE A 7 -8.49 9.50 6.06
CA ILE A 7 -7.52 8.40 5.77
C ILE A 7 -7.28 8.28 4.27
N ARG A 8 -6.05 8.33 3.84
CA ARG A 8 -5.75 8.21 2.38
C ARG A 8 -5.65 6.74 1.98
N CYS A 9 -6.56 6.28 1.15
CA CYS A 9 -6.51 4.85 0.72
C CYS A 9 -5.08 4.48 0.31
N TRP A 10 -4.37 3.80 1.15
CA TRP A 10 -2.97 3.41 0.81
C TRP A 10 -2.96 2.37 -0.30
N ASN A 11 -4.04 1.67 -0.48
CA ASN A 11 -4.06 0.62 -1.53
C ASN A 11 -4.10 1.24 -2.92
N CYS A 12 -4.78 2.33 -3.09
CA CYS A 12 -4.84 2.97 -4.43
C CYS A 12 -4.47 4.45 -4.33
N GLY A 13 -4.25 4.93 -3.15
CA GLY A 13 -3.87 6.36 -2.96
C GLY A 13 -5.09 7.27 -3.19
N LYS A 14 -5.98 7.32 -2.25
CA LYS A 14 -7.19 8.20 -2.40
C LYS A 14 -7.91 8.38 -1.07
N GLU A 15 -8.01 9.60 -0.60
CA GLU A 15 -8.71 9.86 0.69
C GLU A 15 -10.12 9.24 0.67
N GLY A 16 -10.57 8.74 1.79
CA GLY A 16 -11.92 8.13 1.83
C GLY A 16 -11.88 6.83 2.63
N HIS A 17 -10.82 6.08 2.50
CA HIS A 17 -10.71 4.79 3.25
C HIS A 17 -9.25 4.33 3.32
N SER A 18 -8.98 3.27 4.01
CA SER A 18 -7.57 2.77 4.11
C SER A 18 -7.25 1.80 2.97
N ALA A 19 -6.16 1.08 3.09
CA ALA A 19 -5.79 0.12 2.00
C ALA A 19 -6.42 -1.25 2.28
N ARG A 20 -6.49 -1.65 3.51
CA ARG A 20 -7.10 -2.97 3.82
C ARG A 20 -8.52 -3.01 3.24
N GLN A 21 -9.12 -1.87 3.04
CA GLN A 21 -10.49 -1.83 2.48
C GLN A 21 -10.42 -1.79 0.95
N CYS A 22 -9.59 -0.96 0.41
CA CYS A 22 -9.48 -0.88 -1.07
C CYS A 22 -8.54 -1.98 -1.59
N ARG A 23 -8.94 -2.65 -2.62
CA ARG A 23 -8.09 -3.74 -3.18
C ARG A 23 -7.45 -3.26 -4.48
N ALA A 24 -7.77 -2.06 -4.92
CA ALA A 24 -7.22 -1.54 -6.19
C ALA A 24 -7.27 -2.69 -7.21
N PRO A 25 -6.28 -2.85 -8.06
CA PRO A 25 -6.38 -3.98 -8.99
C PRO A 25 -6.17 -5.27 -8.18
N ARG A 26 -4.97 -5.76 -8.12
CA ARG A 26 -4.70 -6.97 -7.34
C ARG A 26 -4.27 -6.63 -5.90
N ARG A 27 -3.68 -5.46 -5.71
CA ARG A 27 -3.16 -4.96 -4.38
C ARG A 27 -1.67 -4.67 -4.51
N GLN A 28 -1.04 -4.39 -3.41
CA GLN A 28 0.43 -4.11 -3.44
C GLN A 28 1.16 -5.03 -2.45
N GLY A 29 1.77 -6.07 -2.93
CA GLY A 29 2.49 -7.02 -2.02
C GLY A 29 3.22 -6.23 -0.93
N CYS A 30 4.27 -5.52 -1.29
CA CYS A 30 5.01 -4.73 -0.27
C CYS A 30 4.08 -3.72 0.40
N TRP A 31 4.35 -3.35 1.63
CA TRP A 31 3.48 -2.36 2.30
C TRP A 31 4.32 -1.26 2.93
N LYS A 32 5.54 -1.14 2.51
CA LYS A 32 6.43 -0.07 3.05
C LYS A 32 7.01 0.74 1.90
N CYS A 33 6.69 0.37 0.68
CA CYS A 33 7.21 1.14 -0.50
C CYS A 33 6.14 1.17 -1.60
N GLY A 34 5.65 0.03 -2.01
CA GLY A 34 4.60 -0.01 -3.06
C GLY A 34 5.21 -0.40 -4.41
N LYS A 35 5.53 -1.66 -4.58
CA LYS A 35 6.13 -2.09 -5.88
C LYS A 35 5.73 -3.53 -6.23
N THR A 36 4.91 -4.14 -5.44
CA THR A 36 4.48 -5.53 -5.75
C THR A 36 5.69 -6.44 -5.98
N GLY A 37 5.47 -7.73 -6.03
CA GLY A 37 6.63 -8.67 -6.26
C GLY A 37 7.54 -8.64 -5.03
N HIS A 38 8.15 -7.52 -4.78
CA HIS A 38 9.05 -7.41 -3.59
C HIS A 38 8.20 -7.15 -2.33
N VAL A 39 8.64 -7.61 -1.19
CA VAL A 39 7.83 -7.40 0.04
C VAL A 39 8.54 -6.42 1.00
N MET A 40 7.78 -5.83 1.89
CA MET A 40 8.38 -4.87 2.86
C MET A 40 9.71 -5.40 3.41
N ALA A 41 9.86 -6.69 3.49
CA ALA A 41 11.12 -7.27 4.02
C ALA A 41 12.28 -7.08 3.05
N LYS A 42 12.03 -6.58 1.88
CA LYS A 42 13.13 -6.45 0.90
C LYS A 42 12.80 -5.45 -0.20
N CYS A 43 12.56 -4.23 0.15
CA CYS A 43 12.25 -3.24 -0.90
C CYS A 43 13.53 -2.57 -1.40
N PRO A 44 13.57 -2.33 -2.69
CA PRO A 44 14.75 -1.67 -3.29
C PRO A 44 14.65 -0.15 -3.16
N GLU A 45 13.97 0.33 -2.15
CA GLU A 45 13.83 1.79 -1.97
C GLU A 45 13.33 2.44 -3.27
N ARG A 46 12.47 1.74 -3.98
CA ARG A 46 11.90 2.25 -5.27
C ARG A 46 12.81 3.31 -5.91
N GLN A 47 13.70 2.90 -6.76
CA GLN A 47 14.62 3.88 -7.42
C GLN A 47 13.95 4.44 -8.68
N ALA A 48 13.14 3.66 -9.33
CA ALA A 48 12.45 4.13 -10.56
C ALA A 48 13.40 4.97 -11.42
N GLY A 49 14.67 4.64 -11.41
CA GLY A 49 15.66 5.40 -12.22
C GLY A 49 16.80 5.87 -11.31
ZN ZN B . -6.60 3.91 -5.13
ZN ZN C . 7.84 -6.55 -0.62
N ALA A 1 -1.14 22.49 7.07
CA ALA A 1 -0.61 21.52 6.07
C ALA A 1 -0.22 22.24 4.78
N GLN A 2 0.93 21.94 4.24
CA GLN A 2 1.35 22.61 2.98
C GLN A 2 0.75 21.90 1.77
N GLN A 3 -0.04 22.61 1.00
CA GLN A 3 -0.67 21.98 -0.20
C GLN A 3 -1.57 20.81 0.21
N ARG A 4 -2.82 20.86 -0.16
CA ARG A 4 -3.76 19.75 0.20
C ARG A 4 -3.61 18.60 -0.80
N LYS A 5 -2.53 17.87 -0.70
CA LYS A 5 -2.30 16.73 -1.64
C LYS A 5 -3.49 15.76 -1.60
N VAL A 6 -3.99 15.39 -2.74
CA VAL A 6 -5.14 14.42 -2.77
C VAL A 6 -4.68 13.08 -2.22
N ILE A 7 -5.01 12.80 -0.98
CA ILE A 7 -4.60 11.52 -0.32
C ILE A 7 -4.36 10.40 -1.35
N ARG A 8 -3.19 9.81 -1.33
CA ARG A 8 -2.89 8.71 -2.29
C ARG A 8 -3.15 7.33 -1.66
N CYS A 9 -3.90 6.50 -2.31
CA CYS A 9 -4.19 5.14 -1.74
C CYS A 9 -3.02 4.20 -2.06
N TRP A 10 -2.63 3.39 -1.11
CA TRP A 10 -1.50 2.45 -1.36
C TRP A 10 -1.95 1.29 -2.27
N ASN A 11 -2.97 0.58 -1.89
CA ASN A 11 -3.46 -0.57 -2.71
C ASN A 11 -3.29 -0.29 -4.20
N CYS A 12 -3.55 0.92 -4.64
CA CYS A 12 -3.40 1.23 -6.08
C CYS A 12 -2.35 2.33 -6.28
N GLY A 13 -2.02 3.04 -5.23
CA GLY A 13 -1.00 4.12 -5.36
C GLY A 13 -1.50 5.20 -6.30
N LYS A 14 -2.41 6.03 -5.85
CA LYS A 14 -2.94 7.11 -6.73
C LYS A 14 -3.72 8.13 -5.90
N GLU A 15 -3.33 9.38 -5.96
CA GLU A 15 -4.04 10.43 -5.20
C GLU A 15 -5.55 10.33 -5.44
N GLY A 16 -6.35 10.57 -4.43
CA GLY A 16 -7.83 10.49 -4.62
C GLY A 16 -8.47 9.84 -3.39
N HIS A 17 -7.86 8.82 -2.85
CA HIS A 17 -8.44 8.15 -1.65
C HIS A 17 -7.35 7.38 -0.89
N SER A 18 -7.72 6.68 0.15
CA SER A 18 -6.69 5.92 0.93
C SER A 18 -6.83 4.41 0.64
N ALA A 19 -5.86 3.63 1.06
CA ALA A 19 -5.94 2.17 0.82
C ALA A 19 -7.06 1.56 1.69
N ARG A 20 -7.35 2.17 2.80
CA ARG A 20 -8.43 1.63 3.69
C ARG A 20 -9.75 1.59 2.93
N GLN A 21 -9.85 2.30 1.84
CA GLN A 21 -11.12 2.32 1.05
C GLN A 21 -10.92 1.56 -0.27
N CYS A 22 -9.87 1.86 -0.98
CA CYS A 22 -9.62 1.17 -2.28
C CYS A 22 -8.77 -0.07 -2.08
N ARG A 23 -9.26 -1.17 -2.57
CA ARG A 23 -8.53 -2.45 -2.45
C ARG A 23 -8.37 -3.04 -3.86
N ALA A 24 -8.28 -2.17 -4.83
CA ALA A 24 -8.13 -2.63 -6.25
C ALA A 24 -7.30 -3.92 -6.35
N PRO A 25 -7.49 -4.62 -7.44
CA PRO A 25 -6.80 -5.91 -7.67
C PRO A 25 -5.30 -5.74 -7.86
N ARG A 26 -4.86 -4.69 -8.50
CA ARG A 26 -3.41 -4.51 -8.72
C ARG A 26 -2.66 -4.51 -7.38
N ARG A 27 -3.37 -4.40 -6.27
CA ARG A 27 -2.72 -4.40 -4.94
C ARG A 27 -1.46 -5.26 -4.94
N GLN A 28 -0.44 -4.82 -4.28
CA GLN A 28 0.83 -5.60 -4.25
C GLN A 28 1.37 -5.68 -2.81
N GLY A 29 1.37 -6.85 -2.23
CA GLY A 29 1.88 -7.04 -0.84
C GLY A 29 2.92 -5.96 -0.50
N CYS A 30 4.15 -6.14 -0.90
CA CYS A 30 5.18 -5.10 -0.60
C CYS A 30 5.25 -4.09 -1.75
N TRP A 31 5.17 -2.82 -1.46
CA TRP A 31 5.23 -1.81 -2.56
C TRP A 31 6.67 -1.31 -2.72
N LYS A 32 7.45 -1.39 -1.68
CA LYS A 32 8.86 -0.90 -1.75
C LYS A 32 9.67 -1.72 -2.76
N CYS A 33 9.12 -2.77 -3.29
CA CYS A 33 9.90 -3.59 -4.26
C CYS A 33 9.07 -3.91 -5.51
N GLY A 34 7.83 -4.28 -5.35
CA GLY A 34 7.00 -4.59 -6.55
C GLY A 34 6.67 -6.08 -6.57
N LYS A 35 6.16 -6.61 -5.49
CA LYS A 35 5.81 -8.05 -5.45
C LYS A 35 4.47 -8.23 -4.74
N THR A 36 4.18 -9.40 -4.23
CA THR A 36 2.87 -9.60 -3.54
C THR A 36 3.05 -10.37 -2.23
N GLY A 37 1.97 -10.56 -1.51
CA GLY A 37 2.05 -11.31 -0.23
C GLY A 37 2.97 -10.57 0.74
N HIS A 38 4.18 -11.02 0.86
CA HIS A 38 5.14 -10.34 1.79
C HIS A 38 5.02 -8.81 1.63
N VAL A 39 5.34 -8.08 2.66
CA VAL A 39 5.26 -6.59 2.57
C VAL A 39 6.46 -5.95 3.26
N MET A 40 6.51 -4.65 3.30
CA MET A 40 7.65 -3.97 3.98
C MET A 40 7.84 -4.60 5.37
N ALA A 41 6.80 -5.17 5.90
CA ALA A 41 6.86 -5.83 7.24
C ALA A 41 7.92 -6.87 7.29
N LYS A 42 8.16 -7.46 6.18
CA LYS A 42 9.03 -8.64 6.18
C LYS A 42 9.80 -8.77 4.87
N CYS A 43 9.93 -7.70 4.16
CA CYS A 43 10.68 -7.73 2.88
C CYS A 43 12.12 -8.23 3.15
N PRO A 44 12.99 -8.08 2.17
CA PRO A 44 14.38 -8.54 2.36
C PRO A 44 15.15 -7.58 3.27
N GLU A 45 14.63 -6.39 3.46
CA GLU A 45 15.31 -5.41 4.35
C GLU A 45 14.88 -5.65 5.80
N ARG A 46 14.07 -6.65 6.04
CA ARG A 46 13.60 -6.94 7.43
C ARG A 46 13.39 -5.64 8.21
N GLN A 47 12.33 -4.93 7.95
CA GLN A 47 12.07 -3.65 8.67
C GLN A 47 10.90 -3.82 9.63
N ALA A 48 10.97 -4.79 10.51
CA ALA A 48 9.85 -4.99 11.48
C ALA A 48 10.39 -5.03 12.91
N GLY A 49 11.31 -5.93 13.19
CA GLY A 49 11.87 -6.00 14.57
C GLY A 49 13.38 -5.76 14.54
ZN ZN B . -6.60 3.91 -5.13
ZN ZN C . 7.84 -6.55 -0.62
N ALA A 1 -10.68 23.50 2.63
CA ALA A 1 -12.16 23.63 2.70
C ALA A 1 -12.81 22.25 2.73
N GLN A 2 -13.76 22.04 3.61
CA GLN A 2 -14.43 20.71 3.68
C GLN A 2 -13.39 19.59 3.82
N GLN A 3 -12.50 19.71 4.76
CA GLN A 3 -11.46 18.66 4.95
C GLN A 3 -10.62 18.53 3.68
N ARG A 4 -9.33 18.37 3.82
CA ARG A 4 -8.45 18.23 2.63
C ARG A 4 -8.29 16.75 2.25
N LYS A 5 -9.01 16.30 1.27
CA LYS A 5 -8.91 14.86 0.87
C LYS A 5 -9.27 13.96 2.06
N VAL A 6 -9.71 12.77 1.81
CA VAL A 6 -10.07 11.86 2.93
C VAL A 6 -9.40 10.49 2.76
N ILE A 7 -8.41 10.22 3.58
CA ILE A 7 -7.71 8.90 3.51
C ILE A 7 -7.40 8.51 2.06
N ARG A 8 -6.28 8.92 1.53
CA ARG A 8 -5.92 8.55 0.13
C ARG A 8 -5.35 7.13 0.09
N CYS A 9 -5.85 6.29 -0.79
CA CYS A 9 -5.33 4.90 -0.86
C CYS A 9 -4.01 4.86 -1.65
N TRP A 10 -3.15 3.91 -1.35
CA TRP A 10 -1.83 3.83 -2.05
C TRP A 10 -1.88 2.95 -3.30
N ASN A 11 -2.61 1.87 -3.28
CA ASN A 11 -2.65 0.96 -4.46
C ASN A 11 -3.59 1.51 -5.53
N CYS A 12 -4.56 2.27 -5.13
CA CYS A 12 -5.49 2.83 -6.14
C CYS A 12 -5.37 4.36 -6.17
N GLY A 13 -4.48 4.91 -5.39
CA GLY A 13 -4.30 6.39 -5.38
C GLY A 13 -5.69 7.03 -5.39
N LYS A 14 -6.32 7.12 -4.25
CA LYS A 14 -7.68 7.72 -4.20
C LYS A 14 -8.19 7.83 -2.76
N GLU A 15 -8.84 8.92 -2.44
CA GLU A 15 -9.37 9.09 -1.05
C GLU A 15 -10.58 8.18 -0.82
N GLY A 16 -10.99 8.02 0.41
CA GLY A 16 -12.15 7.15 0.70
C GLY A 16 -11.72 6.06 1.70
N HIS A 17 -10.52 5.56 1.54
CA HIS A 17 -10.03 4.51 2.48
C HIS A 17 -8.50 4.51 2.49
N SER A 18 -7.88 3.62 3.21
CA SER A 18 -6.40 3.59 3.26
C SER A 18 -5.86 2.34 2.57
N ALA A 19 -4.56 2.17 2.57
CA ALA A 19 -3.98 0.97 1.92
C ALA A 19 -4.15 -0.26 2.81
N ARG A 20 -4.79 -0.09 3.94
CA ARG A 20 -5.00 -1.26 4.84
C ARG A 20 -6.25 -2.02 4.39
N GLN A 21 -7.11 -1.38 3.66
CA GLN A 21 -8.35 -2.07 3.18
C GLN A 21 -8.48 -1.92 1.66
N CYS A 22 -7.92 -0.89 1.09
CA CYS A 22 -8.01 -0.71 -0.38
C CYS A 22 -7.29 -1.84 -1.11
N ARG A 23 -8.00 -2.60 -1.89
CA ARG A 23 -7.38 -3.72 -2.63
C ARG A 23 -7.30 -3.35 -4.12
N ALA A 24 -8.10 -2.42 -4.56
CA ALA A 24 -8.06 -2.03 -6.01
C ALA A 24 -7.97 -3.31 -6.85
N PRO A 25 -7.44 -3.23 -8.04
CA PRO A 25 -7.34 -4.46 -8.84
C PRO A 25 -6.23 -5.33 -8.25
N ARG A 26 -5.07 -5.35 -8.83
CA ARG A 26 -3.99 -6.15 -8.28
C ARG A 26 -3.10 -5.29 -7.35
N ARG A 27 -3.45 -5.18 -6.10
CA ARG A 27 -2.60 -4.37 -5.18
C ARG A 27 -1.31 -5.14 -4.87
N GLN A 28 -0.33 -4.50 -4.30
CA GLN A 28 0.93 -5.22 -3.98
C GLN A 28 1.14 -5.26 -2.47
N GLY A 29 1.34 -6.42 -1.91
CA GLY A 29 1.56 -6.49 -0.44
C GLY A 29 2.66 -5.52 -0.05
N CYS A 30 3.88 -5.99 0.06
CA CYS A 30 4.99 -5.07 0.42
C CYS A 30 5.52 -4.40 -0.85
N TRP A 31 5.43 -3.11 -0.94
CA TRP A 31 5.92 -2.42 -2.16
C TRP A 31 7.34 -1.90 -1.93
N LYS A 32 7.71 -1.74 -0.70
CA LYS A 32 9.08 -1.23 -0.41
C LYS A 32 10.02 -2.40 -0.08
N CYS A 33 9.69 -3.59 -0.51
CA CYS A 33 10.57 -4.76 -0.21
C CYS A 33 10.55 -5.76 -1.37
N GLY A 34 9.41 -6.34 -1.65
CA GLY A 34 9.34 -7.32 -2.77
C GLY A 34 8.62 -8.59 -2.29
N LYS A 35 7.62 -8.43 -1.48
CA LYS A 35 6.88 -9.62 -0.97
C LYS A 35 5.37 -9.40 -1.12
N THR A 36 4.57 -10.27 -0.55
CA THR A 36 3.10 -10.10 -0.65
C THR A 36 2.45 -10.23 0.73
N GLY A 37 2.41 -11.41 1.27
CA GLY A 37 1.81 -11.60 2.62
C GLY A 37 2.23 -10.46 3.54
N HIS A 38 3.49 -10.14 3.55
CA HIS A 38 3.99 -9.04 4.43
C HIS A 38 3.92 -7.71 3.66
N VAL A 39 4.00 -6.60 4.36
CA VAL A 39 3.94 -5.27 3.68
C VAL A 39 4.67 -4.23 4.53
N MET A 40 4.81 -3.04 4.02
CA MET A 40 5.50 -1.96 4.79
C MET A 40 5.13 -2.06 6.28
N ALA A 41 3.93 -2.53 6.54
CA ALA A 41 3.47 -2.69 7.94
C ALA A 41 4.56 -3.25 8.82
N LYS A 42 5.28 -4.13 8.24
CA LYS A 42 6.24 -4.90 9.04
C LYS A 42 7.47 -5.28 8.19
N CYS A 43 7.57 -4.71 7.03
CA CYS A 43 8.72 -5.01 6.15
C CYS A 43 10.03 -4.97 6.95
N PRO A 44 10.59 -6.14 7.16
CA PRO A 44 11.86 -6.26 7.91
C PRO A 44 13.06 -5.86 7.04
N GLU A 45 12.88 -5.86 5.74
CA GLU A 45 14.00 -5.49 4.82
C GLU A 45 15.35 -5.95 5.38
N ARG A 46 15.52 -7.23 5.57
CA ARG A 46 16.81 -7.74 6.11
C ARG A 46 17.13 -7.06 7.45
N GLN A 47 16.78 -7.68 8.54
CA GLN A 47 17.06 -7.08 9.88
C GLN A 47 18.02 -7.98 10.66
N ALA A 48 18.86 -7.41 11.47
CA ALA A 48 19.82 -8.25 12.26
C ALA A 48 19.85 -7.80 13.72
N GLY A 49 19.81 -6.51 13.96
CA GLY A 49 19.84 -6.01 15.36
C GLY A 49 20.55 -4.65 15.40
ZN ZN B . -6.60 3.91 -5.13
ZN ZN C . 7.84 -6.55 -0.62
#